data_1MMT
#
_entry.id   1MMT
#
_cell.length_a   65.140
_cell.length_b   106.638
_cell.length_c   123.611
_cell.angle_alpha   90.00
_cell.angle_beta   90.00
_cell.angle_gamma   90.00
#
_symmetry.space_group_name_H-M   'C 2 2 21'
#
loop_
_entity.id
_entity.type
_entity.pdbx_description
1 polymer Phenylalanine-4-hydroxylase
2 non-polymer 'FE (II) ION'
3 non-polymer 'SULFATE ION'
4 non-polymer 5,6,7,8-TETRAHYDROBIOPTERIN
5 non-polymer NORLEUCINE
6 water water
#
_entity_poly.entity_id   1
_entity_poly.type   'polypeptide(L)'
_entity_poly.pdbx_seq_one_letter_code
;GATVHELSRDKKKDTVPWFPRTIQELDRFANQILSYGAELDADHPGFKDPVYRARRKQFADIAYNYRHGQPIPRVEYMEE
EKKTWGTVFKTLKSLYKTHACYEYNHIFPLLEKYCGFHEDNIPQLEDVSQFLQTCTGFRLRPVAGLLSSRDFLGGLAFRV
FHCTQYIRHGSKPMYTPEPDICHELLGHVPLFSDRSFAQFSQEIGLASLGAPDEYIEKLATIYWFTVEFGLCKQGDSIKA
YGAGLLSSFGELQYCLSEKPKLLPLELEKTAIQNYTVTEFQPLYYVAESFNDAKEKVRNFAATIPRPFSVRYDPYTQRIE
VLDNT
;
_entity_poly.pdbx_strand_id   A
#
loop_
_chem_comp.id
_chem_comp.type
_chem_comp.name
_chem_comp.formula
FE2 non-polymer 'FE (II) ION' 'Fe 2'
H4B non-polymer 5,6,7,8-TETRAHYDROBIOPTERIN 'C9 H15 N5 O3'
SO4 non-polymer 'SULFATE ION' 'O4 S -2'
#
# COMPACT_ATOMS: atom_id res chain seq x y z
N THR A 15 -24.11 16.98 -3.09
CA THR A 15 -24.54 15.77 -3.84
C THR A 15 -23.47 14.69 -3.68
N VAL A 16 -23.87 13.44 -3.86
CA VAL A 16 -22.94 12.32 -3.70
C VAL A 16 -22.14 11.99 -4.96
N PRO A 17 -20.81 11.87 -4.84
CA PRO A 17 -19.97 11.56 -5.99
C PRO A 17 -20.12 10.10 -6.43
N TRP A 18 -19.89 9.84 -7.72
CA TRP A 18 -20.01 8.50 -8.25
C TRP A 18 -19.00 7.56 -7.60
N PHE A 19 -19.41 6.32 -7.39
CA PHE A 19 -18.54 5.30 -6.83
C PHE A 19 -18.93 3.95 -7.40
N PRO A 20 -17.95 3.07 -7.58
CA PRO A 20 -18.21 1.74 -8.13
C PRO A 20 -19.11 0.92 -7.22
N ARG A 21 -20.02 0.16 -7.83
CA ARG A 21 -20.94 -0.69 -7.07
C ARG A 21 -20.68 -2.17 -7.38
N THR A 22 -19.82 -2.42 -8.37
CA THR A 22 -19.44 -3.79 -8.76
C THR A 22 -17.94 -3.82 -9.02
N ILE A 23 -17.38 -5.02 -9.00
CA ILE A 23 -15.94 -5.18 -9.24
C ILE A 23 -15.54 -4.74 -10.64
N GLN A 24 -16.41 -5.01 -11.62
CA GLN A 24 -16.13 -4.63 -13.00
C GLN A 24 -16.06 -3.10 -13.15
N GLU A 25 -16.82 -2.38 -12.32
CA GLU A 25 -16.86 -0.92 -12.38
C GLU A 25 -15.54 -0.25 -11.96
N LEU A 26 -14.74 -0.94 -11.17
CA LEU A 26 -13.47 -0.39 -10.73
C LEU A 26 -12.59 -0.04 -11.92
N ASP A 27 -12.78 -0.75 -13.02
CA ASP A 27 -12.01 -0.51 -14.23
C ASP A 27 -12.21 0.91 -14.78
N ARG A 28 -13.28 1.56 -14.36
CA ARG A 28 -13.58 2.91 -14.82
C ARG A 28 -12.48 3.94 -14.52
N PHE A 29 -11.85 3.83 -13.35
CA PHE A 29 -10.80 4.77 -12.96
C PHE A 29 -9.40 4.14 -12.95
N ALA A 30 -9.34 2.86 -13.27
CA ALA A 30 -8.08 2.13 -13.27
C ALA A 30 -6.92 2.82 -13.99
N ASN A 31 -7.23 3.55 -15.07
CA ASN A 31 -6.19 4.22 -15.84
C ASN A 31 -5.90 5.66 -15.44
N GLN A 32 -6.49 6.11 -14.34
CA GLN A 32 -6.26 7.47 -13.87
C GLN A 32 -5.08 7.46 -12.90
N ILE A 33 -3.91 7.79 -13.43
CA ILE A 33 -2.69 7.76 -12.63
C ILE A 33 -2.21 9.13 -12.20
N LEU A 34 -1.53 9.16 -11.05
CA LEU A 34 -1.00 10.39 -10.48
C LEU A 34 0.45 10.11 -10.09
N SER A 35 1.05 11.04 -9.35
CA SER A 35 2.42 10.89 -8.87
C SER A 35 2.63 11.84 -7.72
N TYR A 36 3.76 11.70 -7.03
CA TYR A 36 4.07 12.58 -5.91
C TYR A 36 4.88 13.78 -6.36
N GLY A 37 4.90 14.02 -7.66
CA GLY A 37 5.59 15.16 -8.23
C GLY A 37 7.08 15.27 -7.98
N ALA A 38 7.81 14.19 -8.19
CA ALA A 38 9.26 14.19 -7.98
C ALA A 38 10.00 14.08 -9.31
N GLU A 39 9.26 14.12 -10.42
CA GLU A 39 9.87 14.00 -11.75
C GLU A 39 11.01 15.00 -11.96
N LEU A 40 10.92 16.16 -11.31
CA LEU A 40 11.94 17.19 -11.46
C LEU A 40 12.86 17.26 -10.23
N ASP A 41 12.69 16.32 -9.32
CA ASP A 41 13.51 16.28 -8.10
C ASP A 41 14.96 15.93 -8.42
N ALA A 42 15.88 16.79 -8.01
CA ALA A 42 17.30 16.55 -8.25
C ALA A 42 17.79 15.44 -7.33
N ASP A 43 16.97 15.11 -6.34
CA ASP A 43 17.29 14.06 -5.37
C ASP A 43 16.82 12.70 -5.86
N HIS A 44 15.97 12.72 -6.90
CA HIS A 44 15.42 11.50 -7.48
C HIS A 44 15.60 11.55 -9.00
N PRO A 45 16.85 11.52 -9.47
CA PRO A 45 17.16 11.58 -10.91
C PRO A 45 16.69 10.37 -11.72
N GLY A 46 16.40 9.27 -11.04
CA GLY A 46 15.95 8.08 -11.73
C GLY A 46 14.79 8.31 -12.67
N PHE A 47 13.94 9.29 -12.35
CA PHE A 47 12.77 9.58 -13.19
C PHE A 47 13.14 10.08 -14.59
N LYS A 48 14.21 10.87 -14.68
CA LYS A 48 14.66 11.43 -15.95
C LYS A 48 15.30 10.39 -16.88
N ASP A 49 15.71 9.26 -16.31
CA ASP A 49 16.35 8.20 -17.07
C ASP A 49 15.44 7.71 -18.21
N PRO A 50 15.83 7.94 -19.46
CA PRO A 50 15.05 7.53 -20.63
C PRO A 50 14.78 6.03 -20.68
N VAL A 51 15.75 5.24 -20.26
CA VAL A 51 15.61 3.79 -20.26
C VAL A 51 14.58 3.40 -19.20
N TYR A 52 14.64 4.07 -18.06
CA TYR A 52 13.71 3.82 -16.97
C TYR A 52 12.29 4.18 -17.44
N ARG A 53 12.15 5.35 -18.04
CA ARG A 53 10.84 5.80 -18.53
C ARG A 53 10.26 4.81 -19.53
N ALA A 54 11.12 4.29 -20.40
CA ALA A 54 10.69 3.32 -21.40
C ALA A 54 10.12 2.08 -20.72
N ARG A 55 10.69 1.70 -19.59
CA ARG A 55 10.22 0.54 -18.85
C ARG A 55 8.86 0.82 -18.21
N ARG A 56 8.72 2.00 -17.63
CA ARG A 56 7.47 2.39 -16.98
C ARG A 56 6.37 2.33 -18.04
N LYS A 57 6.69 2.86 -19.22
CA LYS A 57 5.75 2.85 -20.34
C LYS A 57 5.27 1.43 -20.64
N GLN A 58 6.19 0.47 -20.60
CA GLN A 58 5.84 -0.92 -20.87
C GLN A 58 4.88 -1.47 -19.83
N PHE A 59 5.18 -1.22 -18.56
CA PHE A 59 4.31 -1.71 -17.49
C PHE A 59 2.97 -0.99 -17.51
N ALA A 60 2.98 0.29 -17.87
CA ALA A 60 1.74 1.06 -17.93
C ALA A 60 0.80 0.47 -18.98
N ASP A 61 1.34 0.14 -20.16
CA ASP A 61 0.51 -0.40 -21.23
C ASP A 61 -0.19 -1.70 -20.81
N ILE A 62 0.51 -2.53 -20.04
CA ILE A 62 -0.06 -3.78 -19.57
C ILE A 62 -1.25 -3.50 -18.67
N ALA A 63 -1.09 -2.54 -17.77
CA ALA A 63 -2.15 -2.18 -16.84
C ALA A 63 -3.32 -1.53 -17.58
N TYR A 64 -3.01 -0.77 -18.63
CA TYR A 64 -4.03 -0.09 -19.40
C TYR A 64 -4.91 -1.06 -20.19
N ASN A 65 -4.31 -2.12 -20.72
CA ASN A 65 -5.05 -3.10 -21.50
C ASN A 65 -5.70 -4.19 -20.64
N TYR A 66 -5.35 -4.22 -19.36
CA TYR A 66 -5.91 -5.21 -18.45
C TYR A 66 -7.37 -4.90 -18.16
N ARG A 67 -8.15 -5.93 -17.87
CA ARG A 67 -9.57 -5.77 -17.54
C ARG A 67 -9.95 -6.74 -16.44
N HIS A 68 -10.92 -6.33 -15.62
CA HIS A 68 -11.39 -7.14 -14.51
C HIS A 68 -11.49 -8.63 -14.81
N GLY A 69 -11.06 -9.43 -13.84
CA GLY A 69 -11.12 -10.87 -13.97
C GLY A 69 -9.94 -11.51 -14.69
N GLN A 70 -9.48 -10.84 -15.75
CA GLN A 70 -8.37 -11.34 -16.53
C GLN A 70 -7.17 -11.74 -15.68
N PRO A 71 -6.39 -12.71 -16.16
CA PRO A 71 -5.19 -13.16 -15.42
C PRO A 71 -4.10 -12.10 -15.62
N ILE A 72 -3.37 -11.78 -14.56
CA ILE A 72 -2.32 -10.77 -14.64
C ILE A 72 -1.14 -11.27 -15.45
N PRO A 73 -0.81 -10.58 -16.55
CA PRO A 73 0.30 -10.95 -17.43
C PRO A 73 1.66 -11.09 -16.74
N ARG A 74 2.34 -12.20 -17.02
CA ARG A 74 3.66 -12.42 -16.44
C ARG A 74 4.69 -11.57 -17.18
N VAL A 75 5.66 -11.05 -16.45
CA VAL A 75 6.69 -10.20 -17.05
C VAL A 75 8.10 -10.71 -16.80
N GLU A 76 9.00 -10.41 -17.74
CA GLU A 76 10.39 -10.81 -17.62
C GLU A 76 11.20 -9.55 -17.30
N TYR A 77 11.67 -9.46 -16.07
CA TYR A 77 12.45 -8.31 -15.61
C TYR A 77 13.88 -8.37 -16.10
N MET A 78 14.50 -7.19 -16.19
CA MET A 78 15.88 -7.07 -16.64
C MET A 78 16.83 -7.31 -15.47
N GLU A 79 18.11 -7.51 -15.77
CA GLU A 79 19.12 -7.75 -14.74
C GLU A 79 19.13 -6.64 -13.69
N GLU A 80 19.16 -5.39 -14.14
CA GLU A 80 19.17 -4.25 -13.21
C GLU A 80 18.02 -4.37 -12.21
N GLU A 81 16.83 -4.60 -12.73
CA GLU A 81 15.64 -4.71 -11.90
C GLU A 81 15.74 -5.88 -10.93
N LYS A 82 16.28 -7.00 -11.39
CA LYS A 82 16.44 -8.17 -10.53
C LYS A 82 17.42 -7.86 -9.40
N LYS A 83 18.49 -7.15 -9.71
CA LYS A 83 19.50 -6.80 -8.71
C LYS A 83 18.89 -5.86 -7.67
N THR A 84 18.09 -4.91 -8.13
CA THR A 84 17.44 -3.96 -7.23
C THR A 84 16.56 -4.72 -6.25
N TRP A 85 15.74 -5.64 -6.76
CA TRP A 85 14.86 -6.41 -5.90
C TRP A 85 15.65 -7.20 -4.86
N GLY A 86 16.69 -7.89 -5.32
CA GLY A 86 17.51 -8.68 -4.41
C GLY A 86 18.13 -7.82 -3.32
N THR A 87 18.65 -6.66 -3.70
CA THR A 87 19.26 -5.75 -2.74
C THR A 87 18.23 -5.25 -1.73
N VAL A 88 17.07 -4.84 -2.22
CA VAL A 88 16.00 -4.36 -1.36
C VAL A 88 15.54 -5.50 -0.44
N PHE A 89 15.26 -6.66 -1.04
CA PHE A 89 14.80 -7.83 -0.29
C PHE A 89 15.74 -8.30 0.82
N LYS A 90 16.97 -8.63 0.46
CA LYS A 90 17.93 -9.13 1.45
C LYS A 90 18.19 -8.14 2.58
N THR A 91 18.29 -6.85 2.24
CA THR A 91 18.55 -5.83 3.24
C THR A 91 17.36 -5.66 4.19
N LEU A 92 16.15 -5.59 3.65
CA LEU A 92 14.95 -5.45 4.48
C LEU A 92 14.72 -6.69 5.35
N LYS A 93 14.96 -7.88 4.81
CA LYS A 93 14.75 -9.12 5.57
C LYS A 93 15.62 -9.11 6.83
N SER A 94 16.84 -8.57 6.71
CA SER A 94 17.75 -8.47 7.83
C SER A 94 17.15 -7.49 8.84
N LEU A 95 16.73 -6.31 8.37
CA LEU A 95 16.16 -5.30 9.27
C LEU A 95 14.85 -5.71 9.97
N TYR A 96 13.98 -6.45 9.27
CA TYR A 96 12.69 -6.88 9.83
C TYR A 96 12.82 -7.56 11.19
N LYS A 97 13.87 -8.36 11.34
CA LYS A 97 14.12 -9.10 12.57
C LYS A 97 14.07 -8.23 13.82
N THR A 98 14.57 -7.01 13.71
CA THR A 98 14.60 -6.08 14.82
C THR A 98 13.75 -4.82 14.66
N HIS A 99 13.28 -4.56 13.44
CA HIS A 99 12.50 -3.35 13.18
C HIS A 99 11.00 -3.53 12.91
N ALA A 100 10.63 -4.68 12.36
CA ALA A 100 9.22 -4.95 12.03
C ALA A 100 8.38 -5.49 13.17
N CYS A 101 7.11 -5.10 13.20
CA CYS A 101 6.17 -5.57 14.22
C CYS A 101 6.01 -7.08 14.16
N TYR A 102 5.52 -7.65 15.26
CA TYR A 102 5.30 -9.08 15.42
C TYR A 102 4.40 -9.69 14.33
N GLU A 103 3.29 -9.03 14.05
CA GLU A 103 2.33 -9.50 13.05
C GLU A 103 3.00 -9.72 11.70
N TYR A 104 3.79 -8.73 11.27
CA TYR A 104 4.47 -8.80 9.98
C TYR A 104 5.46 -9.97 9.92
N ASN A 105 6.36 -10.05 10.89
CA ASN A 105 7.37 -11.11 10.93
C ASN A 105 6.80 -12.52 10.97
N HIS A 106 5.59 -12.65 11.48
CA HIS A 106 4.97 -13.96 11.58
C HIS A 106 4.38 -14.41 10.23
N ILE A 107 4.03 -13.44 9.40
CA ILE A 107 3.44 -13.71 8.09
C ILE A 107 4.49 -13.86 6.99
N PHE A 108 5.52 -13.03 7.04
CA PHE A 108 6.58 -13.04 6.04
C PHE A 108 7.12 -14.42 5.68
N PRO A 109 7.37 -15.28 6.68
CA PRO A 109 7.89 -16.62 6.41
C PRO A 109 6.97 -17.40 5.47
N LEU A 110 5.67 -17.22 5.66
CA LEU A 110 4.68 -17.91 4.85
C LEU A 110 4.74 -17.46 3.40
N LEU A 111 4.93 -16.16 3.18
CA LEU A 111 5.03 -15.62 1.82
C LEU A 111 6.25 -16.19 1.13
N GLU A 112 7.32 -16.39 1.88
CA GLU A 112 8.54 -16.93 1.32
C GLU A 112 8.38 -18.38 0.92
N LYS A 113 7.68 -19.14 1.75
CA LYS A 113 7.48 -20.56 1.48
C LYS A 113 6.34 -20.89 0.53
N TYR A 114 5.26 -20.10 0.56
CA TYR A 114 4.13 -20.40 -0.31
C TYR A 114 3.88 -19.39 -1.41
N CYS A 115 4.67 -18.33 -1.48
CA CYS A 115 4.43 -17.33 -2.52
C CYS A 115 5.65 -16.94 -3.33
N GLY A 116 6.76 -17.64 -3.11
CA GLY A 116 7.96 -17.34 -3.87
C GLY A 116 8.69 -16.04 -3.55
N PHE A 117 8.57 -15.56 -2.32
CA PHE A 117 9.27 -14.34 -1.92
C PHE A 117 10.72 -14.70 -1.59
N HIS A 118 11.62 -14.46 -2.54
CA HIS A 118 13.04 -14.75 -2.37
C HIS A 118 13.87 -13.61 -2.93
N GLU A 119 15.13 -13.54 -2.53
CA GLU A 119 16.01 -12.48 -2.99
C GLU A 119 16.39 -12.65 -4.47
N ASP A 120 16.37 -13.90 -4.94
CA ASP A 120 16.71 -14.17 -6.34
C ASP A 120 15.48 -14.46 -7.19
N ASN A 121 14.37 -13.79 -6.91
CA ASN A 121 13.15 -14.03 -7.66
C ASN A 121 12.07 -12.98 -7.39
N ILE A 122 11.72 -12.20 -8.41
CA ILE A 122 10.67 -11.20 -8.26
C ILE A 122 9.33 -11.89 -8.47
N PRO A 123 8.50 -11.97 -7.41
CA PRO A 123 7.18 -12.61 -7.50
C PRO A 123 6.33 -12.04 -8.62
N GLN A 124 5.61 -12.91 -9.32
CA GLN A 124 4.71 -12.48 -10.39
C GLN A 124 3.39 -12.12 -9.72
N LEU A 125 2.78 -11.00 -10.13
CA LEU A 125 1.53 -10.56 -9.54
C LEU A 125 0.40 -11.59 -9.61
N GLU A 126 0.36 -12.36 -10.69
CA GLU A 126 -0.68 -13.37 -10.83
C GLU A 126 -0.57 -14.39 -9.70
N ASP A 127 0.65 -14.82 -9.37
CA ASP A 127 0.84 -15.79 -8.31
C ASP A 127 0.53 -15.17 -6.95
N VAL A 128 0.93 -13.93 -6.75
CA VAL A 128 0.67 -13.24 -5.48
C VAL A 128 -0.83 -13.05 -5.28
N SER A 129 -1.53 -12.72 -6.37
CA SER A 129 -2.97 -12.49 -6.33
C SER A 129 -3.69 -13.80 -5.97
N GLN A 130 -3.25 -14.90 -6.56
CA GLN A 130 -3.84 -16.20 -6.29
C GLN A 130 -3.61 -16.56 -4.83
N PHE A 131 -2.40 -16.27 -4.34
CA PHE A 131 -2.05 -16.55 -2.95
C PHE A 131 -2.94 -15.73 -2.03
N LEU A 132 -3.01 -14.42 -2.25
CA LEU A 132 -3.84 -13.57 -1.41
C LEU A 132 -5.30 -14.01 -1.40
N GLN A 133 -5.80 -14.43 -2.56
CA GLN A 133 -7.19 -14.87 -2.63
C GLN A 133 -7.47 -16.04 -1.69
N THR A 134 -6.54 -16.99 -1.63
CA THR A 134 -6.75 -18.12 -0.74
C THR A 134 -6.59 -17.71 0.73
N CYS A 135 -5.81 -16.67 0.99
CA CYS A 135 -5.60 -16.22 2.36
C CYS A 135 -6.77 -15.42 2.93
N THR A 136 -7.20 -14.43 2.16
CA THR A 136 -8.27 -13.53 2.60
C THR A 136 -9.23 -13.09 1.51
N GLY A 137 -9.08 -13.62 0.30
CA GLY A 137 -9.96 -13.21 -0.77
C GLY A 137 -9.53 -11.92 -1.44
N PHE A 138 -8.45 -11.31 -0.97
CA PHE A 138 -7.97 -10.09 -1.59
C PHE A 138 -7.40 -10.51 -2.94
N ARG A 139 -7.43 -9.61 -3.91
CA ARG A 139 -6.91 -9.90 -5.23
C ARG A 139 -6.17 -8.68 -5.76
N LEU A 140 -5.21 -8.90 -6.64
CA LEU A 140 -4.45 -7.80 -7.21
C LEU A 140 -5.05 -7.32 -8.52
N ARG A 141 -4.88 -6.03 -8.77
CA ARG A 141 -5.34 -5.40 -9.99
C ARG A 141 -4.18 -4.52 -10.41
N PRO A 142 -3.48 -4.89 -11.49
CA PRO A 142 -2.35 -4.12 -11.98
C PRO A 142 -2.72 -2.72 -12.45
N VAL A 143 -1.95 -1.73 -12.01
CA VAL A 143 -2.18 -0.34 -12.41
C VAL A 143 -0.86 0.31 -12.81
N ALA A 144 -0.95 1.29 -13.72
CA ALA A 144 0.20 2.00 -14.26
C ALA A 144 1.02 2.75 -13.23
N GLY A 145 0.41 3.10 -12.11
CA GLY A 145 1.10 3.83 -11.07
C GLY A 145 0.15 4.25 -9.95
N LEU A 146 0.54 5.31 -9.24
CA LEU A 146 -0.22 5.86 -8.12
C LEU A 146 -1.65 6.28 -8.47
N LEU A 147 -2.63 5.81 -7.70
CA LEU A 147 -4.03 6.18 -7.91
C LEU A 147 -4.42 7.18 -6.82
N SER A 148 -5.53 7.87 -7.01
CA SER A 148 -5.98 8.83 -6.01
C SER A 148 -6.37 8.03 -4.78
N SER A 149 -6.44 8.72 -3.64
CA SER A 149 -6.81 8.05 -2.39
C SER A 149 -8.23 7.52 -2.47
N ARG A 150 -9.14 8.29 -3.09
CA ARG A 150 -10.53 7.85 -3.21
C ARG A 150 -10.63 6.54 -3.97
N ASP A 151 -9.95 6.47 -5.12
CA ASP A 151 -9.98 5.27 -5.95
C ASP A 151 -9.32 4.07 -5.26
N PHE A 152 -8.13 4.28 -4.71
CA PHE A 152 -7.43 3.19 -4.04
C PHE A 152 -8.27 2.63 -2.90
N LEU A 153 -8.81 3.52 -2.06
CA LEU A 153 -9.62 3.11 -0.93
C LEU A 153 -10.91 2.44 -1.42
N GLY A 154 -11.46 2.97 -2.51
CA GLY A 154 -12.67 2.39 -3.05
C GLY A 154 -12.44 0.94 -3.42
N GLY A 155 -11.26 0.66 -3.97
CA GLY A 155 -10.93 -0.70 -4.34
C GLY A 155 -10.94 -1.64 -3.16
N LEU A 156 -10.45 -1.17 -2.01
CA LEU A 156 -10.40 -1.99 -0.81
C LEU A 156 -11.78 -2.51 -0.40
N ALA A 157 -12.82 -1.76 -0.76
CA ALA A 157 -14.18 -2.15 -0.41
C ALA A 157 -14.52 -3.53 -1.00
N PHE A 158 -13.94 -3.85 -2.15
CA PHE A 158 -14.17 -5.12 -2.83
C PHE A 158 -12.98 -6.07 -2.59
N ARG A 159 -12.16 -5.74 -1.61
CA ARG A 159 -10.95 -6.50 -1.30
C ARG A 159 -10.08 -6.60 -2.54
N VAL A 160 -9.93 -5.47 -3.23
CA VAL A 160 -9.10 -5.40 -4.42
C VAL A 160 -7.96 -4.43 -4.15
N PHE A 161 -6.73 -4.90 -4.35
CA PHE A 161 -5.54 -4.09 -4.12
C PHE A 161 -4.94 -3.73 -5.48
N HIS A 162 -5.05 -2.44 -5.85
CA HIS A 162 -4.49 -1.96 -7.13
C HIS A 162 -3.00 -1.88 -6.87
N CYS A 163 -2.28 -2.78 -7.54
CA CYS A 163 -0.86 -2.95 -7.34
C CYS A 163 -0.01 -2.62 -8.57
N THR A 164 1.12 -1.94 -8.35
CA THR A 164 2.01 -1.62 -9.48
C THR A 164 2.85 -2.84 -9.80
N GLN A 165 3.46 -2.83 -10.98
CA GLN A 165 4.26 -3.96 -11.43
C GLN A 165 5.70 -3.57 -11.78
N TYR A 166 5.97 -2.26 -11.84
CA TYR A 166 7.32 -1.77 -12.14
C TYR A 166 8.17 -1.67 -10.88
N ILE A 167 9.49 -1.58 -11.02
CA ILE A 167 10.36 -1.48 -9.87
C ILE A 167 11.16 -0.17 -9.86
N ARG A 168 11.53 0.28 -8.66
CA ARG A 168 12.27 1.51 -8.48
C ARG A 168 13.60 1.54 -9.25
N HIS A 169 14.08 2.74 -9.52
CA HIS A 169 15.34 2.92 -10.24
C HIS A 169 16.48 2.34 -9.41
N GLY A 170 17.35 1.56 -10.05
CA GLY A 170 18.46 0.92 -9.35
C GLY A 170 19.51 1.81 -8.73
N SER A 171 19.43 3.12 -8.97
CA SER A 171 20.41 4.03 -8.41
C SER A 171 20.13 4.34 -6.94
N LYS A 172 18.90 4.12 -6.49
CA LYS A 172 18.54 4.42 -5.11
C LYS A 172 17.53 3.41 -4.57
N PRO A 173 17.95 2.15 -4.35
CA PRO A 173 17.04 1.13 -3.83
C PRO A 173 16.59 1.39 -2.41
N MET A 174 17.34 2.20 -1.68
CA MET A 174 17.00 2.48 -0.28
C MET A 174 15.70 3.25 -0.07
N TYR A 175 15.25 3.96 -1.11
CA TYR A 175 14.03 4.76 -1.00
C TYR A 175 13.55 5.30 -2.35
N THR A 176 12.24 5.37 -2.50
CA THR A 176 11.61 5.93 -3.70
C THR A 176 10.28 6.53 -3.25
N PRO A 177 9.89 7.66 -3.82
CA PRO A 177 8.63 8.28 -3.44
C PRO A 177 7.44 7.45 -3.94
N GLU A 178 7.60 6.85 -5.11
CA GLU A 178 6.53 6.09 -5.74
C GLU A 178 6.24 4.69 -5.19
N PRO A 179 5.00 4.24 -5.29
CA PRO A 179 4.67 2.91 -4.78
C PRO A 179 5.02 1.84 -5.81
N ASP A 180 6.30 1.49 -5.89
CA ASP A 180 6.75 0.48 -6.84
C ASP A 180 6.39 -0.92 -6.38
N ILE A 181 6.80 -1.93 -7.13
CA ILE A 181 6.48 -3.31 -6.77
C ILE A 181 7.07 -3.67 -5.42
N CYS A 182 8.26 -3.19 -5.10
CA CYS A 182 8.87 -3.48 -3.82
C CYS A 182 7.92 -3.01 -2.70
N HIS A 183 7.42 -1.79 -2.81
CA HIS A 183 6.49 -1.25 -1.81
C HIS A 183 5.18 -2.04 -1.74
N GLU A 184 4.62 -2.38 -2.91
CA GLU A 184 3.37 -3.11 -2.93
C GLU A 184 3.50 -4.49 -2.32
N LEU A 185 4.50 -5.25 -2.77
CA LEU A 185 4.73 -6.61 -2.29
C LEU A 185 5.31 -6.75 -0.88
N LEU A 186 6.36 -6.00 -0.57
CA LEU A 186 6.99 -6.09 0.74
C LEU A 186 6.30 -5.26 1.81
N GLY A 187 5.63 -4.20 1.37
CA GLY A 187 4.94 -3.32 2.30
C GLY A 187 3.48 -3.63 2.59
N HIS A 188 2.68 -3.84 1.54
CA HIS A 188 1.25 -4.09 1.68
C HIS A 188 0.77 -5.54 1.69
N VAL A 189 1.23 -6.33 0.73
CA VAL A 189 0.82 -7.72 0.60
C VAL A 189 0.83 -8.54 1.89
N PRO A 190 1.93 -8.47 2.66
CA PRO A 190 1.99 -9.24 3.91
C PRO A 190 0.77 -9.09 4.81
N LEU A 191 0.40 -7.86 5.15
CA LEU A 191 -0.75 -7.63 6.02
C LEU A 191 -2.08 -7.91 5.33
N PHE A 192 -2.14 -7.78 4.01
CA PHE A 192 -3.38 -8.05 3.29
C PHE A 192 -3.64 -9.56 3.32
N SER A 193 -2.63 -10.35 3.69
CA SER A 193 -2.80 -11.80 3.74
C SER A 193 -3.30 -12.22 5.12
N ASP A 194 -3.42 -11.26 6.02
CA ASP A 194 -3.91 -11.49 7.37
C ASP A 194 -5.41 -11.26 7.41
N ARG A 195 -6.15 -12.21 7.95
CA ARG A 195 -7.61 -12.11 8.03
C ARG A 195 -8.11 -10.84 8.69
N SER A 196 -7.61 -10.56 9.89
CA SER A 196 -8.05 -9.37 10.61
C SER A 196 -7.72 -8.07 9.88
N PHE A 197 -6.49 -7.94 9.37
CA PHE A 197 -6.11 -6.73 8.65
C PHE A 197 -6.92 -6.57 7.37
N ALA A 198 -7.17 -7.69 6.70
CA ALA A 198 -7.94 -7.71 5.47
C ALA A 198 -9.33 -7.15 5.72
N GLN A 199 -9.96 -7.62 6.79
CA GLN A 199 -11.31 -7.18 7.14
C GLN A 199 -11.26 -5.69 7.49
N PHE A 200 -10.21 -5.29 8.21
CA PHE A 200 -10.02 -3.89 8.59
C PHE A 200 -9.93 -3.04 7.33
N SER A 201 -9.09 -3.45 6.38
CA SER A 201 -8.92 -2.73 5.13
C SER A 201 -10.24 -2.55 4.37
N GLN A 202 -10.99 -3.63 4.20
CA GLN A 202 -12.27 -3.57 3.49
C GLN A 202 -13.25 -2.64 4.19
N GLU A 203 -13.25 -2.66 5.52
CA GLU A 203 -14.15 -1.80 6.30
C GLU A 203 -13.96 -0.32 6.00
N ILE A 204 -12.72 0.15 6.04
CA ILE A 204 -12.46 1.57 5.78
C ILE A 204 -12.74 1.87 4.32
N GLY A 205 -12.49 0.91 3.44
CA GLY A 205 -12.77 1.11 2.03
C GLY A 205 -14.26 1.29 1.82
N LEU A 206 -15.05 0.45 2.48
CA LEU A 206 -16.52 0.51 2.37
C LEU A 206 -17.04 1.84 2.88
N ALA A 207 -16.41 2.37 3.92
CA ALA A 207 -16.84 3.64 4.50
C ALA A 207 -16.49 4.85 3.63
N SER A 208 -15.54 4.67 2.71
CA SER A 208 -15.11 5.76 1.83
C SER A 208 -15.96 5.95 0.58
N LEU A 209 -16.66 4.91 0.17
CA LEU A 209 -17.49 4.97 -1.04
C LEU A 209 -18.45 6.16 -1.06
N GLY A 210 -18.29 7.01 -2.06
CA GLY A 210 -19.15 8.17 -2.21
C GLY A 210 -19.12 9.18 -1.07
N ALA A 211 -18.08 9.17 -0.24
CA ALA A 211 -17.98 10.12 0.86
C ALA A 211 -17.46 11.46 0.33
N PRO A 212 -17.78 12.56 1.02
CA PRO A 212 -17.32 13.89 0.59
C PRO A 212 -15.79 13.89 0.62
N ASP A 213 -15.15 14.63 -0.29
CA ASP A 213 -13.70 14.62 -0.33
C ASP A 213 -12.98 15.12 0.93
N GLU A 214 -13.61 16.03 1.67
CA GLU A 214 -12.97 16.51 2.88
C GLU A 214 -12.80 15.37 3.88
N TYR A 215 -13.66 14.36 3.80
CA TYR A 215 -13.53 13.22 4.70
C TYR A 215 -12.56 12.21 4.11
N ILE A 216 -12.53 12.12 2.79
CA ILE A 216 -11.62 11.21 2.09
C ILE A 216 -10.16 11.60 2.34
N GLU A 217 -9.85 12.89 2.16
CA GLU A 217 -8.48 13.36 2.35
C GLU A 217 -8.07 13.22 3.81
N LYS A 218 -9.02 13.41 4.71
CA LYS A 218 -8.74 13.27 6.13
C LYS A 218 -8.43 11.80 6.43
N LEU A 219 -9.20 10.90 5.83
CA LEU A 219 -8.97 9.47 6.04
C LEU A 219 -7.62 9.10 5.44
N ALA A 220 -7.29 9.68 4.29
CA ALA A 220 -6.04 9.42 3.60
C ALA A 220 -4.87 9.81 4.49
N THR A 221 -4.99 10.96 5.16
CA THR A 221 -3.93 11.43 6.04
C THR A 221 -3.77 10.46 7.21
N ILE A 222 -4.90 10.01 7.76
CA ILE A 222 -4.86 9.07 8.87
C ILE A 222 -4.24 7.75 8.38
N TYR A 223 -4.67 7.33 7.19
CA TYR A 223 -4.14 6.12 6.58
C TYR A 223 -2.62 6.26 6.44
N TRP A 224 -2.18 7.42 5.98
CA TRP A 224 -0.75 7.69 5.78
C TRP A 224 0.05 7.54 7.08
N PHE A 225 -0.46 8.11 8.17
CA PHE A 225 0.25 8.04 9.45
C PHE A 225 0.10 6.72 10.21
N THR A 226 -0.70 5.80 9.69
CA THR A 226 -0.87 4.50 10.32
C THR A 226 -0.48 3.39 9.36
N VAL A 227 -1.40 3.00 8.49
CA VAL A 227 -1.12 1.95 7.52
C VAL A 227 0.17 2.14 6.68
N GLU A 228 0.49 3.37 6.32
CA GLU A 228 1.69 3.64 5.50
C GLU A 228 3.00 3.91 6.26
N PHE A 229 2.98 4.79 7.26
CA PHE A 229 4.20 5.10 8.00
C PHE A 229 4.03 5.04 9.52
N GLY A 230 3.13 4.17 9.97
CA GLY A 230 2.88 4.05 11.39
C GLY A 230 3.86 3.21 12.18
N LEU A 231 4.00 3.57 13.46
CA LEU A 231 4.88 2.89 14.42
C LEU A 231 3.99 2.45 15.57
N CYS A 232 4.36 1.38 16.25
CA CYS A 232 3.57 0.91 17.37
C CYS A 232 4.41 0.29 18.46
N LYS A 233 3.91 0.37 19.68
CA LYS A 233 4.60 -0.20 20.82
C LYS A 233 4.33 -1.70 20.85
N GLN A 234 5.37 -2.47 21.13
CA GLN A 234 5.27 -3.91 21.22
C GLN A 234 6.08 -4.27 22.46
N GLY A 235 5.38 -4.36 23.59
CA GLY A 235 6.05 -4.63 24.84
C GLY A 235 6.63 -3.29 25.24
N ASP A 236 7.93 -3.24 25.50
CA ASP A 236 8.57 -1.99 25.87
C ASP A 236 9.41 -1.44 24.73
N SER A 237 9.18 -1.97 23.54
CA SER A 237 9.92 -1.54 22.35
C SER A 237 8.98 -0.89 21.35
N ILE A 238 9.55 -0.33 20.29
CA ILE A 238 8.76 0.30 19.23
C ILE A 238 9.09 -0.38 17.92
N LYS A 239 8.04 -0.77 17.20
CA LYS A 239 8.20 -1.45 15.93
C LYS A 239 7.51 -0.67 14.82
N ALA A 240 7.85 -0.99 13.57
CA ALA A 240 7.24 -0.35 12.43
C ALA A 240 6.23 -1.31 11.79
N TYR A 241 5.06 -0.79 11.42
CA TYR A 241 4.05 -1.61 10.78
C TYR A 241 3.59 -0.94 9.47
N GLY A 242 3.95 0.34 9.28
CA GLY A 242 3.58 1.04 8.06
C GLY A 242 4.27 0.43 6.85
N ALA A 243 3.50 0.22 5.78
CA ALA A 243 4.01 -0.37 4.54
C ALA A 243 5.12 0.47 3.90
N GLY A 244 5.09 1.78 4.11
CA GLY A 244 6.09 2.65 3.54
C GLY A 244 7.44 2.54 4.21
N LEU A 245 7.41 2.15 5.48
CA LEU A 245 8.64 1.96 6.23
C LEU A 245 9.17 0.58 5.90
N LEU A 246 8.27 -0.40 5.83
CA LEU A 246 8.64 -1.79 5.54
C LEU A 246 9.19 -2.07 4.15
N SER A 247 9.08 -1.11 3.24
CA SER A 247 9.58 -1.29 1.87
C SER A 247 10.81 -0.44 1.59
N SER A 248 11.14 0.44 2.53
CA SER A 248 12.28 1.34 2.39
C SER A 248 13.36 1.02 3.43
N PHE A 249 14.40 0.28 3.06
CA PHE A 249 15.41 -0.02 4.09
C PHE A 249 16.08 1.27 4.57
N GLY A 250 15.99 2.32 3.76
CA GLY A 250 16.54 3.60 4.18
C GLY A 250 15.70 4.22 5.28
N GLU A 251 14.39 4.36 5.06
CA GLU A 251 13.53 4.96 6.09
C GLU A 251 13.26 4.01 7.27
N LEU A 252 13.44 2.70 7.05
CA LEU A 252 13.21 1.74 8.13
C LEU A 252 14.27 1.94 9.21
N GLN A 253 15.51 2.22 8.81
CA GLN A 253 16.59 2.49 9.75
C GLN A 253 16.30 3.79 10.49
N TYR A 254 15.92 4.81 9.73
CA TYR A 254 15.64 6.15 10.25
C TYR A 254 14.45 6.24 11.22
N CYS A 255 13.35 5.57 10.89
CA CYS A 255 12.14 5.66 11.71
C CYS A 255 12.37 5.27 13.19
N LEU A 256 13.34 4.40 13.44
CA LEU A 256 13.60 4.00 14.82
C LEU A 256 14.89 4.64 15.35
N SER A 257 15.44 5.62 14.65
CA SER A 257 16.65 6.29 15.11
C SER A 257 16.32 7.51 15.95
N GLU A 258 17.32 8.32 16.26
CA GLU A 258 17.12 9.51 17.07
C GLU A 258 16.75 10.74 16.25
N LYS A 259 16.77 10.61 14.92
CA LYS A 259 16.48 11.74 14.05
C LYS A 259 15.02 12.21 14.03
N PRO A 260 14.07 11.32 13.68
CA PRO A 260 12.66 11.71 13.63
C PRO A 260 12.04 12.08 14.98
N LYS A 261 10.92 12.79 14.90
CA LYS A 261 10.18 13.18 16.08
C LYS A 261 9.02 12.19 16.25
N LEU A 262 8.78 11.77 17.48
CA LEU A 262 7.70 10.81 17.75
C LEU A 262 6.59 11.42 18.61
N LEU A 263 5.35 11.08 18.28
CA LEU A 263 4.20 11.56 19.03
C LEU A 263 3.17 10.45 19.21
N PRO A 264 2.41 10.48 20.31
CA PRO A 264 1.39 9.44 20.54
C PRO A 264 0.32 9.56 19.48
N LEU A 265 -0.17 8.44 18.97
CA LEU A 265 -1.20 8.46 17.95
C LEU A 265 -2.51 9.06 18.49
N GLU A 266 -2.93 10.18 17.90
CA GLU A 266 -4.18 10.87 18.29
C GLU A 266 -4.82 11.40 17.01
N LEU A 267 -5.83 10.69 16.53
CA LEU A 267 -6.50 11.06 15.28
C LEU A 267 -6.82 12.54 15.10
N GLU A 268 -7.40 13.18 16.12
CA GLU A 268 -7.73 14.60 16.03
C GLU A 268 -6.54 15.45 15.60
N LYS A 269 -5.35 15.06 16.02
CA LYS A 269 -4.14 15.81 15.67
C LYS A 269 -3.50 15.20 14.42
N THR A 270 -3.43 13.88 14.38
CA THR A 270 -2.85 13.16 13.26
C THR A 270 -3.53 13.53 11.94
N ALA A 271 -4.85 13.45 11.93
CA ALA A 271 -5.64 13.75 10.74
C ALA A 271 -5.40 15.15 10.16
N ILE A 272 -4.97 16.09 11.00
CA ILE A 272 -4.71 17.45 10.52
C ILE A 272 -3.22 17.71 10.42
N GLN A 273 -2.42 16.68 10.64
CA GLN A 273 -0.98 16.82 10.58
C GLN A 273 -0.48 16.74 9.14
N ASN A 274 0.52 17.57 8.83
CA ASN A 274 1.11 17.62 7.50
C ASN A 274 2.12 16.50 7.33
N TYR A 275 2.38 16.09 6.09
CA TYR A 275 3.35 15.03 5.84
C TYR A 275 4.03 15.18 4.49
N THR A 276 5.21 14.56 4.35
CA THR A 276 5.94 14.65 3.09
C THR A 276 5.71 13.39 2.26
N VAL A 277 5.82 13.54 0.95
CA VAL A 277 5.62 12.40 0.06
C VAL A 277 6.85 12.14 -0.81
N THR A 278 7.92 12.92 -0.62
CA THR A 278 9.13 12.76 -1.41
C THR A 278 10.41 12.62 -0.57
N GLU A 279 10.26 12.59 0.75
CA GLU A 279 11.40 12.45 1.65
C GLU A 279 10.95 11.69 2.91
N PHE A 280 11.93 11.27 3.72
CA PHE A 280 11.63 10.55 4.96
C PHE A 280 10.72 11.42 5.80
N GLN A 281 9.83 10.79 6.55
CA GLN A 281 8.92 11.52 7.41
C GLN A 281 9.68 12.19 8.55
N PRO A 282 9.45 13.48 8.77
CA PRO A 282 10.14 14.17 9.86
C PRO A 282 9.50 13.82 11.22
N LEU A 283 8.25 13.35 11.15
CA LEU A 283 7.48 12.98 12.34
C LEU A 283 6.66 11.71 12.14
N TYR A 284 6.57 10.88 13.20
CA TYR A 284 5.79 9.65 13.19
C TYR A 284 4.88 9.58 14.42
N TYR A 285 3.74 8.92 14.26
CA TYR A 285 2.81 8.73 15.36
C TYR A 285 2.96 7.29 15.87
N VAL A 286 3.09 7.14 17.18
CA VAL A 286 3.24 5.82 17.80
C VAL A 286 1.93 5.36 18.42
N ALA A 287 1.46 4.20 18.01
CA ALA A 287 0.21 3.65 18.55
C ALA A 287 0.52 2.78 19.76
N GLU A 288 -0.41 2.69 20.70
CA GLU A 288 -0.20 1.87 21.89
C GLU A 288 0.07 0.43 21.49
N SER A 289 -0.50 0.01 20.35
CA SER A 289 -0.30 -1.32 19.83
C SER A 289 -0.83 -1.37 18.41
N PHE A 290 -0.39 -2.38 17.67
CA PHE A 290 -0.82 -2.54 16.28
C PHE A 290 -2.34 -2.70 16.25
N ASN A 291 -2.90 -3.37 17.25
CA ASN A 291 -4.34 -3.55 17.29
C ASN A 291 -5.07 -2.24 17.60
N ASP A 292 -4.54 -1.44 18.51
CA ASP A 292 -5.18 -0.17 18.86
C ASP A 292 -5.23 0.75 17.64
N ALA A 293 -4.21 0.66 16.80
CA ALA A 293 -4.17 1.49 15.61
C ALA A 293 -5.35 1.13 14.71
N LYS A 294 -5.54 -0.16 14.46
CA LYS A 294 -6.63 -0.62 13.63
C LYS A 294 -7.97 -0.17 14.21
N GLU A 295 -8.13 -0.29 15.53
CA GLU A 295 -9.36 0.11 16.18
C GLU A 295 -9.63 1.61 16.01
N LYS A 296 -8.61 2.42 16.25
CA LYS A 296 -8.75 3.86 16.12
C LYS A 296 -9.15 4.27 14.71
N VAL A 297 -8.46 3.74 13.71
CA VAL A 297 -8.76 4.08 12.32
C VAL A 297 -10.15 3.57 11.93
N ARG A 298 -10.52 2.40 12.42
CA ARG A 298 -11.82 1.81 12.12
C ARG A 298 -12.93 2.68 12.71
N ASN A 299 -12.73 3.14 13.94
CA ASN A 299 -13.72 3.98 14.62
C ASN A 299 -13.92 5.30 13.89
N PHE A 300 -12.83 5.91 13.44
CA PHE A 300 -12.96 7.18 12.72
C PHE A 300 -13.69 6.97 11.41
N ALA A 301 -13.33 5.91 10.69
CA ALA A 301 -13.95 5.63 9.39
C ALA A 301 -15.47 5.53 9.52
N ALA A 302 -15.92 4.97 10.63
CA ALA A 302 -17.35 4.80 10.88
C ALA A 302 -18.08 6.13 11.13
N THR A 303 -17.31 7.19 11.36
CA THR A 303 -17.93 8.50 11.60
C THR A 303 -18.11 9.31 10.32
N ILE A 304 -17.57 8.81 9.20
CA ILE A 304 -17.70 9.51 7.92
C ILE A 304 -19.17 9.60 7.50
N PRO A 305 -19.75 10.81 7.57
CA PRO A 305 -21.15 11.03 7.20
C PRO A 305 -21.47 10.96 5.71
N ARG A 306 -22.64 10.40 5.41
CA ARG A 306 -23.13 10.31 4.04
C ARG A 306 -24.62 9.98 4.09
N PRO A 307 -25.39 10.48 3.11
CA PRO A 307 -26.85 10.27 3.03
C PRO A 307 -27.28 8.84 2.74
N PHE A 308 -26.42 7.87 3.04
CA PHE A 308 -26.76 6.47 2.78
C PHE A 308 -25.78 5.53 3.45
N SER A 309 -26.14 4.25 3.46
CA SER A 309 -25.31 3.21 4.03
C SER A 309 -25.00 2.20 2.94
N VAL A 310 -23.89 1.49 3.10
CA VAL A 310 -23.50 0.51 2.10
C VAL A 310 -23.34 -0.89 2.68
N ARG A 311 -23.62 -1.88 1.86
CA ARG A 311 -23.50 -3.27 2.25
C ARG A 311 -22.90 -4.03 1.08
N TYR A 312 -21.83 -4.76 1.34
CA TYR A 312 -21.16 -5.52 0.30
C TYR A 312 -21.59 -7.00 0.32
N ASP A 313 -21.98 -7.52 -0.84
CA ASP A 313 -22.38 -8.92 -0.96
C ASP A 313 -21.23 -9.66 -1.64
N PRO A 314 -20.44 -10.42 -0.86
CA PRO A 314 -19.30 -11.18 -1.38
C PRO A 314 -19.62 -12.24 -2.43
N TYR A 315 -20.84 -12.74 -2.40
CA TYR A 315 -21.23 -13.76 -3.36
C TYR A 315 -21.45 -13.20 -4.77
N THR A 316 -21.90 -11.95 -4.83
CA THR A 316 -22.12 -11.30 -6.12
C THR A 316 -21.09 -10.20 -6.36
N GLN A 317 -20.33 -9.88 -5.31
CA GLN A 317 -19.31 -8.83 -5.38
C GLN A 317 -19.91 -7.50 -5.83
N ARG A 318 -21.05 -7.16 -5.25
CA ARG A 318 -21.73 -5.91 -5.56
C ARG A 318 -22.08 -5.13 -4.30
N ILE A 319 -22.10 -3.81 -4.44
CA ILE A 319 -22.42 -2.93 -3.33
C ILE A 319 -23.93 -2.68 -3.26
N GLU A 320 -24.48 -2.73 -2.06
CA GLU A 320 -25.90 -2.51 -1.84
C GLU A 320 -26.07 -1.18 -1.11
N VAL A 321 -26.74 -0.23 -1.76
CA VAL A 321 -26.96 1.09 -1.17
C VAL A 321 -28.24 1.11 -0.35
N LEU A 322 -28.10 1.33 0.95
CA LEU A 322 -29.23 1.38 1.86
C LEU A 322 -29.49 2.81 2.33
FE FE2 B . 1.32 2.28 0.17
S SO4 C . -16.57 16.13 -3.22
O1 SO4 C . -15.88 14.87 -3.46
O2 SO4 C . -16.71 16.36 -1.77
O3 SO4 C . -15.81 17.25 -3.82
O4 SO4 C . -17.92 16.08 -3.84
N1 H4B D . -1.92 3.61 -5.72
C2 H4B D . -1.31 2.45 -6.07
N2 H4B D . -1.25 2.00 -7.34
N3 H4B D . -0.73 1.71 -5.07
C4 H4B D . -0.72 2.06 -3.68
O4 H4B D . -0.17 1.31 -2.87
C4A H4B D . -1.39 3.30 -3.40
C8A H4B D . -1.98 4.08 -4.41
N5 H4B D . -1.45 3.81 -2.00
N8 H4B D . -2.61 5.26 -4.15
C6 H4B D . -2.66 4.74 -1.70
C7 H4B D . -2.71 5.82 -2.79
C9 H4B D . -2.46 5.19 -0.20
O9 H4B D . -1.19 5.86 -0.03
C10 H4B D . -3.57 6.15 0.37
C11 H4B D . -4.94 5.55 0.35
O10 H4B D . -3.53 7.38 -0.38
N NLE E . 9.12 5.36 0.29
CA NLE E . 8.57 4.12 0.15
C NLE E . 9.62 3.11 -0.38
O NLE E . 9.28 1.89 -0.45
OXT NLE E . 10.74 3.53 -0.71
CB NLE E . 7.35 4.17 -0.80
CG NLE E . 6.11 4.85 -0.21
CD NLE E . 4.95 4.85 -1.20
CE NLE E . 3.73 5.54 -0.60
#